data_1JHY
#
_entry.id   1JHY
#
_cell.length_a   71.820
_cell.length_b   89.990
_cell.length_c   47.580
_cell.angle_alpha   90.00
_cell.angle_beta   90.00
_cell.angle_gamma   90.00
#
_symmetry.space_group_name_H-M   'P 21 21 2'
#
loop_
_entity.id
_entity.type
_entity.pdbx_description
1 polymer 'Nicotinate Mononucleotide:5,6-Dimethylbenzimidazole Phosphoribosyltransferase'
2 non-polymer 'PHOSPHATE ION'
3 non-polymer PHENOL
4 non-polymer 'NICOTINIC ACID'
5 water water
#
_entity_poly.entity_id   1
_entity_poly.type   'polypeptide(L)'
_entity_poly.pdbx_seq_one_letter_code
;MQTLHALLRDIPAPDAEAMARTQQHIDGLLKPPGSLGRLETLAVQLAGMPGLNGTPQVGEKAVLVMCADHGVWDEGVAVS
PKIVTAIQAANMTRGTTGVCVLAAQAGAKVHVIDVGIDAEPIPGVVNMRVARGCGNIAVGPAMSRLQAEALLLEVSRYTC
DLAQRGVTLFGVGELGMANTTPAAAMVSVFTGSDAKEVVGIGANLPPSRIDNKVDVVRRAIAINQPNPRDGIDVLSKVGG
FDLVGMTGVMLGAARCGLPVLLDGFLSYSAALAACQIAPAVRPYLIPSHFSAEKGARIALAHLSMEPYLHMAMRLGEGSG
AALAMPIVEAACAMFHNMGELAASNIVLPEGNANAT
;
_entity_poly.pdbx_strand_id   A
#
# COMPACT_ATOMS: atom_id res chain seq x y z
N LEU A 4 -16.98 6.21 10.69
CA LEU A 4 -16.18 5.06 10.23
C LEU A 4 -17.01 3.90 9.68
N HIS A 5 -18.09 3.56 10.39
CA HIS A 5 -18.95 2.51 9.91
C HIS A 5 -19.60 3.03 8.63
N ALA A 6 -19.85 4.34 8.65
CA ALA A 6 -20.42 5.05 7.52
C ALA A 6 -19.49 4.86 6.35
N LEU A 7 -18.31 5.43 6.55
CA LEU A 7 -17.26 5.36 5.58
C LEU A 7 -17.22 3.99 4.93
N LEU A 8 -17.06 2.96 5.74
CA LEU A 8 -16.99 1.61 5.20
C LEU A 8 -18.23 1.23 4.44
N ARG A 9 -19.33 1.78 4.90
CA ARG A 9 -20.63 1.50 4.33
C ARG A 9 -20.74 2.02 2.90
N ASP A 10 -20.22 3.22 2.71
CA ASP A 10 -20.29 3.94 1.46
C ASP A 10 -19.25 3.62 0.37
N ILE A 11 -18.43 2.58 0.54
CA ILE A 11 -17.46 2.22 -0.48
C ILE A 11 -18.26 1.72 -1.68
N PRO A 12 -18.03 2.34 -2.85
CA PRO A 12 -18.79 1.97 -4.03
C PRO A 12 -18.35 0.70 -4.66
N ALA A 13 -19.32 0.00 -5.23
CA ALA A 13 -18.98 -1.20 -5.98
C ALA A 13 -18.46 -0.76 -7.34
N PRO A 14 -17.73 -1.63 -8.03
CA PRO A 14 -17.23 -1.28 -9.35
C PRO A 14 -18.37 -1.24 -10.35
N ASP A 15 -18.20 -0.38 -11.35
CA ASP A 15 -19.18 -0.17 -12.42
C ASP A 15 -19.07 -1.21 -13.52
N ALA A 16 -19.86 -2.26 -13.43
CA ALA A 16 -19.83 -3.32 -14.41
C ALA A 16 -20.15 -2.81 -15.82
N GLU A 17 -20.98 -1.78 -15.90
CA GLU A 17 -21.38 -1.25 -17.21
C GLU A 17 -20.21 -0.58 -17.91
N ALA A 18 -19.46 0.26 -17.19
CA ALA A 18 -18.31 0.91 -17.79
C ALA A 18 -17.30 -0.13 -18.22
N MET A 19 -17.15 -1.18 -17.39
CA MET A 19 -16.22 -2.27 -17.64
C MET A 19 -16.54 -3.05 -18.91
N ALA A 20 -17.81 -3.34 -19.15
CA ALA A 20 -18.22 -4.04 -20.36
C ALA A 20 -17.91 -3.16 -21.59
N ARG A 21 -18.17 -1.87 -21.46
CA ARG A 21 -17.87 -0.94 -22.54
C ARG A 21 -16.36 -0.89 -22.82
N THR A 22 -15.58 -0.91 -21.77
CA THR A 22 -14.14 -0.86 -21.94
C THR A 22 -13.62 -2.08 -22.68
N GLN A 23 -14.10 -3.22 -22.21
CA GLN A 23 -13.69 -4.48 -22.79
C GLN A 23 -13.92 -4.52 -24.30
N GLN A 24 -15.13 -4.12 -24.67
CA GLN A 24 -15.51 -4.10 -26.08
C GLN A 24 -14.59 -3.17 -26.89
N HIS A 25 -14.30 -1.99 -26.33
CA HIS A 25 -13.43 -1.03 -27.00
C HIS A 25 -12.03 -1.59 -27.22
N ILE A 26 -11.51 -2.20 -26.18
CA ILE A 26 -10.19 -2.81 -26.21
C ILE A 26 -10.11 -3.91 -27.25
N ASP A 27 -11.15 -4.72 -27.31
CA ASP A 27 -11.17 -5.82 -28.24
C ASP A 27 -11.09 -5.33 -29.67
N GLY A 28 -11.60 -4.14 -29.93
CA GLY A 28 -11.57 -3.57 -31.29
C GLY A 28 -10.25 -2.90 -31.69
N LEU A 29 -9.33 -2.80 -30.75
CA LEU A 29 -8.09 -2.13 -31.08
C LEU A 29 -7.23 -2.87 -32.09
N LEU A 30 -6.30 -2.13 -32.70
CA LEU A 30 -5.35 -2.60 -33.73
C LEU A 30 -4.32 -3.64 -33.21
N LYS A 31 -4.79 -4.84 -32.90
CA LYS A 31 -3.94 -5.92 -32.38
C LYS A 31 -4.78 -7.17 -32.25
N PRO A 32 -4.12 -8.32 -32.13
CA PRO A 32 -4.88 -9.55 -31.94
C PRO A 32 -5.54 -9.43 -30.59
N PRO A 33 -6.79 -9.87 -30.50
CA PRO A 33 -7.49 -9.79 -29.23
C PRO A 33 -6.74 -10.51 -28.10
N GLY A 34 -6.69 -9.77 -26.96
CA GLY A 34 -6.04 -10.13 -25.71
C GLY A 34 -4.53 -10.12 -25.78
N SER A 35 -3.96 -9.70 -26.93
CA SER A 35 -2.52 -9.71 -27.09
C SER A 35 -1.75 -8.80 -26.18
N LEU A 36 -2.41 -7.80 -25.59
CA LEU A 36 -1.72 -6.90 -24.69
C LEU A 36 -1.83 -7.31 -23.22
N GLY A 37 -2.36 -8.51 -23.02
CA GLY A 37 -2.52 -9.18 -21.75
C GLY A 37 -2.97 -8.37 -20.55
N ARG A 38 -2.07 -8.32 -19.56
CA ARG A 38 -2.32 -7.63 -18.30
C ARG A 38 -2.58 -6.14 -18.42
N LEU A 39 -2.08 -5.56 -19.50
CA LEU A 39 -2.31 -4.16 -19.78
C LEU A 39 -3.81 -3.95 -20.08
N GLU A 40 -4.45 -4.97 -20.66
CA GLU A 40 -5.89 -4.92 -20.99
C GLU A 40 -6.74 -5.05 -19.75
N THR A 41 -6.39 -6.02 -18.94
CA THR A 41 -7.07 -6.28 -17.70
C THR A 41 -6.99 -5.06 -16.77
N LEU A 42 -5.82 -4.45 -16.73
CA LEU A 42 -5.65 -3.27 -15.90
C LEU A 42 -6.62 -2.16 -16.33
N ALA A 43 -6.60 -1.88 -17.64
CA ALA A 43 -7.46 -0.85 -18.23
C ALA A 43 -8.92 -1.10 -17.85
N VAL A 44 -9.35 -2.33 -17.94
CA VAL A 44 -10.74 -2.61 -17.63
C VAL A 44 -10.99 -2.39 -16.15
N GLN A 45 -10.02 -2.78 -15.35
CA GLN A 45 -10.14 -2.61 -13.92
C GLN A 45 -10.31 -1.13 -13.56
N LEU A 46 -9.49 -0.31 -14.17
CA LEU A 46 -9.58 1.13 -13.94
C LEU A 46 -10.95 1.69 -14.34
N ALA A 47 -11.46 1.21 -15.48
CA ALA A 47 -12.73 1.66 -16.00
C ALA A 47 -13.87 1.41 -15.04
N GLY A 48 -13.72 0.39 -14.21
CA GLY A 48 -14.78 0.11 -13.29
C GLY A 48 -14.79 1.02 -12.04
N MET A 49 -13.73 1.80 -11.86
CA MET A 49 -13.57 2.70 -10.71
C MET A 49 -14.36 4.00 -10.84
N PRO A 50 -15.39 4.16 -10.00
CA PRO A 50 -16.29 5.30 -10.08
C PRO A 50 -15.70 6.71 -10.08
N GLY A 51 -14.63 6.88 -9.32
CA GLY A 51 -13.97 8.18 -9.28
C GLY A 51 -13.29 8.49 -10.62
N LEU A 52 -13.23 7.51 -11.52
CA LEU A 52 -12.56 7.69 -12.79
C LEU A 52 -13.47 8.11 -13.92
N ASN A 53 -14.75 8.24 -13.70
CA ASN A 53 -15.50 8.73 -14.84
C ASN A 53 -15.65 7.80 -16.08
N GLY A 54 -15.80 6.51 -15.80
CA GLY A 54 -16.09 5.46 -16.77
C GLY A 54 -15.06 5.15 -17.82
N THR A 55 -13.81 5.51 -17.58
CA THR A 55 -12.81 5.23 -18.57
C THR A 55 -11.46 5.16 -17.89
N PRO A 56 -10.48 4.45 -18.47
CA PRO A 56 -9.16 4.43 -17.85
C PRO A 56 -8.52 5.80 -18.02
N GLN A 57 -8.32 6.53 -16.93
CA GLN A 57 -7.73 7.86 -16.98
C GLN A 57 -6.80 8.03 -15.80
N VAL A 58 -5.86 8.94 -15.96
CA VAL A 58 -4.93 9.24 -14.88
C VAL A 58 -4.73 10.74 -14.93
N GLY A 59 -5.09 11.44 -13.86
CA GLY A 59 -4.93 12.89 -13.78
C GLY A 59 -3.71 13.15 -12.95
N GLU A 60 -3.87 13.73 -11.77
CA GLU A 60 -2.69 13.94 -10.93
C GLU A 60 -2.43 12.66 -10.15
N LYS A 61 -1.17 12.49 -9.76
CA LYS A 61 -0.67 11.34 -9.00
C LYS A 61 -0.01 11.75 -7.70
N ALA A 62 -0.23 10.96 -6.65
CA ALA A 62 0.37 11.24 -5.34
C ALA A 62 0.80 9.98 -4.63
N VAL A 63 1.96 10.08 -3.99
CA VAL A 63 2.47 8.99 -3.15
C VAL A 63 2.40 9.47 -1.72
N LEU A 64 1.64 8.79 -0.87
CA LEU A 64 1.52 9.16 0.54
C LEU A 64 2.44 8.30 1.36
N VAL A 65 3.39 8.93 2.08
CA VAL A 65 4.35 8.19 2.88
C VAL A 65 4.07 8.38 4.36
N MET A 66 3.73 7.27 5.03
CA MET A 66 3.40 7.23 6.44
C MET A 66 4.61 6.89 7.28
N CYS A 67 5.05 7.83 8.12
CA CYS A 67 6.25 7.63 8.93
C CYS A 67 5.94 7.48 10.39
N ALA A 68 6.58 6.52 11.03
CA ALA A 68 6.37 6.29 12.43
C ALA A 68 7.43 5.40 13.00
N ASP A 69 7.63 5.51 14.33
CA ASP A 69 8.58 4.69 15.06
C ASP A 69 7.85 3.58 15.83
N HIS A 70 8.58 2.53 16.13
CA HIS A 70 8.05 1.35 16.80
C HIS A 70 8.84 0.98 18.06
N GLY A 71 8.12 0.72 19.17
CA GLY A 71 8.76 0.35 20.43
C GLY A 71 9.55 -0.96 20.31
N VAL A 72 9.11 -1.84 19.41
CA VAL A 72 9.75 -3.12 19.18
C VAL A 72 11.20 -2.99 18.70
N TRP A 73 11.56 -1.79 18.30
CA TRP A 73 12.94 -1.56 17.88
C TRP A 73 13.89 -1.98 19.00
N ASP A 74 13.44 -1.78 20.25
CA ASP A 74 14.21 -2.10 21.43
C ASP A 74 14.53 -3.58 21.58
N GLU A 75 13.83 -4.43 20.80
CA GLU A 75 14.03 -5.86 20.87
C GLU A 75 15.21 -6.32 20.02
N GLY A 76 15.92 -5.37 19.44
CA GLY A 76 17.07 -5.71 18.61
C GLY A 76 16.69 -6.35 17.29
N VAL A 77 15.49 -6.04 16.79
CA VAL A 77 15.01 -6.61 15.53
C VAL A 77 15.44 -5.81 14.28
N ALA A 78 16.12 -4.67 14.47
CA ALA A 78 16.56 -3.83 13.34
C ALA A 78 17.97 -3.24 13.51
N VAL A 79 18.79 -3.25 12.45
CA VAL A 79 20.15 -2.71 12.54
C VAL A 79 20.25 -1.21 12.24
N SER A 80 19.19 -0.65 11.67
CA SER A 80 19.23 0.78 11.40
C SER A 80 19.00 1.56 12.70
N PRO A 81 19.79 2.59 12.92
CA PRO A 81 19.54 3.38 14.09
C PRO A 81 18.12 3.94 14.05
N LYS A 82 17.50 4.04 15.22
CA LYS A 82 16.13 4.53 15.33
C LYS A 82 15.92 5.89 14.73
N ILE A 83 16.90 6.76 14.88
CA ILE A 83 16.87 8.12 14.40
C ILE A 83 16.74 8.24 12.88
N VAL A 84 17.07 7.17 12.15
CA VAL A 84 16.94 7.23 10.71
C VAL A 84 15.52 7.58 10.30
N THR A 85 14.50 7.19 11.08
CA THR A 85 13.14 7.53 10.70
C THR A 85 12.97 9.04 10.56
N ALA A 86 13.43 9.74 11.58
CA ALA A 86 13.31 11.19 11.59
C ALA A 86 14.17 11.86 10.53
N ILE A 87 15.38 11.34 10.34
CA ILE A 87 16.31 11.89 9.36
C ILE A 87 15.75 11.82 7.94
N GLN A 88 15.33 10.60 7.59
CA GLN A 88 14.78 10.29 6.30
C GLN A 88 13.48 11.04 6.06
N ALA A 89 12.69 11.22 7.12
CA ALA A 89 11.44 11.96 6.92
C ALA A 89 11.76 13.39 6.48
N ALA A 90 12.80 13.94 7.08
CA ALA A 90 13.24 15.28 6.71
C ALA A 90 13.74 15.29 5.28
N ASN A 91 14.54 14.29 4.95
CA ASN A 91 15.05 14.15 3.58
C ASN A 91 13.93 14.06 2.58
N MET A 92 12.82 13.51 3.02
CA MET A 92 11.70 13.39 2.12
C MET A 92 11.28 14.77 1.68
N THR A 93 11.49 15.75 2.59
CA THR A 93 11.11 17.13 2.28
C THR A 93 12.04 17.78 1.26
N ARG A 94 13.27 17.27 1.14
CA ARG A 94 14.22 17.84 0.21
C ARG A 94 14.29 17.16 -1.14
N GLY A 95 13.52 16.08 -1.32
CA GLY A 95 13.50 15.37 -2.60
C GLY A 95 14.73 14.53 -2.90
N THR A 96 15.47 14.14 -1.87
CA THR A 96 16.67 13.33 -2.11
C THR A 96 16.51 11.85 -1.88
N THR A 97 15.34 11.43 -1.40
CA THR A 97 15.15 9.99 -1.15
C THR A 97 14.76 9.21 -2.40
N GLY A 98 14.83 7.90 -2.24
CA GLY A 98 14.46 6.98 -3.33
C GLY A 98 13.06 7.24 -3.88
N VAL A 99 12.05 7.30 -3.00
CA VAL A 99 10.70 7.55 -3.49
C VAL A 99 10.58 8.91 -4.17
N CYS A 100 11.31 9.89 -3.62
CA CYS A 100 11.27 11.22 -4.19
C CYS A 100 11.77 11.27 -5.64
N VAL A 101 12.89 10.63 -5.86
CA VAL A 101 13.51 10.57 -7.15
C VAL A 101 12.65 9.81 -8.15
N LEU A 102 12.10 8.70 -7.71
CA LEU A 102 11.25 7.90 -8.57
C LEU A 102 9.90 8.58 -8.84
N ALA A 103 9.35 9.25 -7.83
CA ALA A 103 8.08 9.93 -8.02
C ALA A 103 8.23 11.08 -9.02
N ALA A 104 9.33 11.82 -8.90
CA ALA A 104 9.59 12.92 -9.82
C ALA A 104 9.67 12.40 -11.23
N GLN A 105 10.32 11.26 -11.39
CA GLN A 105 10.41 10.68 -12.71
C GLN A 105 9.01 10.34 -13.23
N ALA A 106 8.09 9.95 -12.33
CA ALA A 106 6.72 9.58 -12.73
C ALA A 106 5.76 10.74 -12.78
N GLY A 107 6.24 11.90 -12.34
CA GLY A 107 5.42 13.08 -12.32
C GLY A 107 4.42 13.06 -11.19
N ALA A 108 4.76 12.35 -10.13
CA ALA A 108 3.88 12.26 -8.98
C ALA A 108 4.41 13.15 -7.85
N LYS A 109 3.51 13.59 -6.98
CA LYS A 109 3.92 14.39 -5.86
C LYS A 109 3.93 13.52 -4.61
N VAL A 110 4.91 13.72 -3.76
CA VAL A 110 5.05 12.97 -2.53
C VAL A 110 4.53 13.73 -1.30
N HIS A 111 3.66 13.09 -0.54
CA HIS A 111 3.13 13.68 0.69
C HIS A 111 3.72 12.89 1.85
N VAL A 112 4.50 13.56 2.69
CA VAL A 112 5.11 12.92 3.83
C VAL A 112 4.23 13.15 5.03
N ILE A 113 3.82 12.08 5.66
CA ILE A 113 2.94 12.20 6.79
C ILE A 113 3.50 11.58 8.05
N ASP A 114 3.58 12.41 9.07
CA ASP A 114 4.06 11.96 10.35
C ASP A 114 2.89 11.41 11.17
N VAL A 115 2.85 10.07 11.36
CA VAL A 115 1.80 9.49 12.16
C VAL A 115 2.31 9.00 13.53
N GLY A 116 3.59 9.19 13.80
CA GLY A 116 4.09 8.74 15.09
C GLY A 116 5.60 8.63 15.18
N ILE A 117 6.31 9.61 14.63
CA ILE A 117 7.77 9.60 14.70
C ILE A 117 8.20 9.96 16.10
N ASP A 118 9.21 9.27 16.63
CA ASP A 118 9.70 9.52 17.98
C ASP A 118 10.82 10.55 17.93
N ALA A 119 10.43 11.80 17.75
CA ALA A 119 11.32 12.91 17.64
C ALA A 119 10.49 14.19 17.62
N GLU A 120 11.15 15.34 17.58
CA GLU A 120 10.43 16.60 17.50
C GLU A 120 9.76 16.68 16.13
N PRO A 121 8.70 17.45 16.03
CA PRO A 121 8.01 17.61 14.77
C PRO A 121 8.94 18.14 13.70
N ILE A 122 8.75 17.66 12.48
CA ILE A 122 9.60 18.07 11.38
C ILE A 122 8.83 19.02 10.51
N PRO A 123 9.40 20.18 10.36
CA PRO A 123 8.73 21.18 9.58
C PRO A 123 8.62 20.71 8.13
N GLY A 124 7.46 20.92 7.55
CA GLY A 124 7.26 20.52 6.16
C GLY A 124 6.55 19.19 6.07
N VAL A 125 6.56 18.46 7.17
CA VAL A 125 5.88 17.16 7.20
C VAL A 125 4.44 17.30 7.71
N VAL A 126 3.49 16.63 7.07
CA VAL A 126 2.11 16.70 7.50
C VAL A 126 2.04 16.10 8.90
N ASN A 127 1.46 16.84 9.84
CA ASN A 127 1.38 16.35 11.21
C ASN A 127 0.07 15.62 11.54
N MET A 128 0.14 14.31 11.74
CA MET A 128 -0.97 13.50 12.19
C MET A 128 -0.47 12.55 13.27
N ARG A 129 0.50 13.03 14.02
CA ARG A 129 1.14 12.21 15.01
C ARG A 129 0.26 11.68 16.12
N VAL A 130 0.28 10.37 16.31
CA VAL A 130 -0.54 9.78 17.35
C VAL A 130 0.16 9.86 18.67
N ALA A 131 1.44 9.44 18.64
CA ALA A 131 2.35 9.41 19.77
C ALA A 131 3.79 9.36 19.31
N ARG A 132 4.70 9.45 20.26
CA ARG A 132 6.10 9.38 19.92
C ARG A 132 6.50 7.91 19.85
N GLY A 133 6.18 7.30 18.69
CA GLY A 133 6.40 5.87 18.44
C GLY A 133 5.27 5.04 19.07
N CYS A 134 4.99 3.84 18.56
CA CYS A 134 3.92 3.00 19.12
C CYS A 134 4.46 2.09 20.23
N GLY A 135 3.56 1.38 20.93
CA GLY A 135 4.00 0.49 21.98
C GLY A 135 4.79 -0.70 21.40
N ASN A 136 5.62 -1.30 22.24
CA ASN A 136 6.44 -2.44 21.87
C ASN A 136 5.56 -3.69 21.85
N ILE A 137 5.23 -4.14 20.65
CA ILE A 137 4.33 -5.28 20.48
C ILE A 137 4.80 -6.55 21.13
N ALA A 138 6.08 -6.62 21.50
CA ALA A 138 6.55 -7.84 22.15
C ALA A 138 5.98 -8.03 23.53
N VAL A 139 5.60 -6.93 24.18
CA VAL A 139 5.10 -7.06 25.54
C VAL A 139 3.70 -6.51 25.72
N GLY A 140 3.08 -6.11 24.63
CA GLY A 140 1.76 -5.54 24.74
C GLY A 140 1.36 -5.01 23.39
N PRO A 141 0.23 -4.32 23.35
CA PRO A 141 -0.31 -3.81 22.11
C PRO A 141 0.41 -2.57 21.64
N ALA A 142 0.36 -2.37 20.33
CA ALA A 142 0.95 -1.21 19.71
C ALA A 142 0.20 0.09 20.11
N MET A 143 -1.12 0.01 20.25
CA MET A 143 -1.90 1.18 20.57
C MET A 143 -3.28 0.72 20.95
N SER A 144 -4.16 1.69 21.23
CA SER A 144 -5.54 1.39 21.57
C SER A 144 -6.42 1.28 20.35
N ARG A 145 -7.52 0.54 20.47
CA ARG A 145 -8.44 0.42 19.35
C ARG A 145 -8.90 1.80 18.92
N LEU A 146 -9.18 2.64 19.90
CA LEU A 146 -9.61 4.00 19.65
C LEU A 146 -8.61 4.70 18.78
N GLN A 147 -7.35 4.62 19.20
CA GLN A 147 -6.28 5.27 18.46
C GLN A 147 -6.19 4.77 17.03
N ALA A 148 -6.40 3.49 16.85
CA ALA A 148 -6.34 2.94 15.53
C ALA A 148 -7.46 3.46 14.66
N GLU A 149 -8.67 3.40 15.22
CA GLU A 149 -9.84 3.86 14.49
C GLU A 149 -9.77 5.33 14.14
N ALA A 150 -9.27 6.14 15.06
CA ALA A 150 -9.18 7.55 14.81
C ALA A 150 -8.25 7.85 13.65
N LEU A 151 -7.09 7.22 13.67
CA LEU A 151 -6.10 7.41 12.63
C LEU A 151 -6.64 6.95 11.25
N LEU A 152 -7.30 5.81 11.24
CA LEU A 152 -7.90 5.32 10.02
C LEU A 152 -8.80 6.41 9.42
N LEU A 153 -9.65 6.95 10.29
CA LEU A 153 -10.60 7.99 9.89
C LEU A 153 -9.92 9.21 9.33
N GLU A 154 -8.97 9.70 10.09
CA GLU A 154 -8.23 10.87 9.71
C GLU A 154 -7.45 10.73 8.39
N VAL A 155 -6.74 9.63 8.20
CA VAL A 155 -5.99 9.45 6.95
C VAL A 155 -6.91 9.26 5.78
N SER A 156 -8.01 8.53 6.04
CA SER A 156 -9.05 8.23 5.07
C SER A 156 -9.56 9.50 4.42
N ARG A 157 -9.85 10.45 5.29
CA ARG A 157 -10.38 11.75 4.86
C ARG A 157 -9.35 12.56 4.10
N TYR A 158 -8.14 12.59 4.65
CA TYR A 158 -7.08 13.34 4.01
C TYR A 158 -6.95 12.85 2.58
N THR A 159 -7.02 11.54 2.44
CA THR A 159 -6.89 10.89 1.15
C THR A 159 -7.95 11.29 0.14
N CYS A 160 -9.22 11.18 0.56
CA CYS A 160 -10.36 11.47 -0.29
C CYS A 160 -10.37 12.97 -0.65
N ASP A 161 -9.87 13.77 0.28
CA ASP A 161 -9.76 15.21 0.07
C ASP A 161 -8.85 15.54 -1.10
N LEU A 162 -7.73 14.81 -1.22
CA LEU A 162 -6.80 15.04 -2.33
C LEU A 162 -7.50 14.82 -3.64
N ALA A 163 -8.47 13.91 -3.62
CA ALA A 163 -9.21 13.63 -4.82
C ALA A 163 -9.91 14.89 -5.31
N GLN A 164 -10.43 15.64 -4.36
CA GLN A 164 -11.12 16.89 -4.64
C GLN A 164 -10.24 17.88 -5.37
N ARG A 165 -8.95 17.68 -5.28
CA ARG A 165 -7.98 18.56 -5.89
C ARG A 165 -7.33 17.98 -7.14
N GLY A 166 -7.95 17.00 -7.79
CA GLY A 166 -7.38 16.48 -9.02
C GLY A 166 -6.59 15.17 -8.95
N VAL A 167 -6.28 14.67 -7.77
CA VAL A 167 -5.55 13.42 -7.74
C VAL A 167 -6.44 12.25 -8.15
N THR A 168 -5.96 11.39 -9.07
CA THR A 168 -6.76 10.25 -9.51
C THR A 168 -6.10 8.93 -9.21
N LEU A 169 -4.82 8.98 -8.86
CA LEU A 169 -4.02 7.79 -8.64
C LEU A 169 -3.16 7.95 -7.42
N PHE A 170 -3.30 7.03 -6.48
CA PHE A 170 -2.53 7.10 -5.27
C PHE A 170 -1.54 5.98 -5.24
N GLY A 171 -0.50 6.22 -4.49
CA GLY A 171 0.54 5.26 -4.22
C GLY A 171 0.73 5.32 -2.70
N VAL A 172 1.01 4.19 -2.05
CA VAL A 172 1.22 4.17 -0.60
C VAL A 172 2.66 3.75 -0.26
N GLY A 173 3.17 4.35 0.80
CA GLY A 173 4.50 4.03 1.25
C GLY A 173 4.64 4.28 2.76
N GLU A 174 5.79 3.89 3.29
CA GLU A 174 6.09 4.04 4.70
C GLU A 174 7.57 4.29 4.94
N LEU A 175 7.81 4.59 6.20
CA LEU A 175 9.13 4.86 6.72
C LEU A 175 9.04 4.66 8.23
N GLY A 176 9.75 3.67 8.75
CA GLY A 176 9.74 3.39 10.17
C GLY A 176 10.70 2.25 10.47
N MET A 177 11.80 2.60 11.14
CA MET A 177 12.78 1.60 11.50
C MET A 177 12.10 0.49 12.31
N ALA A 178 12.39 -0.77 11.95
CA ALA A 178 11.86 -1.97 12.59
C ALA A 178 10.45 -2.37 12.14
N ASN A 179 9.86 -1.65 11.19
CA ASN A 179 8.51 -1.96 10.79
C ASN A 179 8.27 -3.30 10.10
N THR A 180 9.33 -4.02 9.70
CA THR A 180 9.11 -5.31 9.05
C THR A 180 8.73 -6.36 10.08
N THR A 181 8.94 -6.03 11.35
CA THR A 181 8.55 -6.93 12.43
C THR A 181 7.01 -6.98 12.60
N PRO A 182 6.35 -5.84 12.86
CA PRO A 182 4.89 -5.86 12.95
C PRO A 182 4.27 -6.35 11.64
N ALA A 183 4.88 -5.96 10.50
CA ALA A 183 4.39 -6.41 9.20
C ALA A 183 4.37 -7.93 9.17
N ALA A 184 5.44 -8.54 9.63
CA ALA A 184 5.46 -9.99 9.63
C ALA A 184 4.40 -10.58 10.58
N ALA A 185 4.22 -9.96 11.73
CA ALA A 185 3.23 -10.48 12.67
C ALA A 185 1.84 -10.47 12.08
N MET A 186 1.47 -9.36 11.41
CA MET A 186 0.16 -9.26 10.81
C MET A 186 0.01 -10.32 9.74
N VAL A 187 1.03 -10.44 8.92
CA VAL A 187 0.97 -11.43 7.85
C VAL A 187 0.75 -12.84 8.42
N SER A 188 1.48 -13.14 9.48
CA SER A 188 1.35 -14.46 10.08
C SER A 188 -0.09 -14.70 10.56
N VAL A 189 -0.63 -13.71 11.27
CA VAL A 189 -1.98 -13.73 11.80
C VAL A 189 -3.05 -13.87 10.73
N PHE A 190 -3.03 -12.98 9.75
CA PHE A 190 -4.05 -13.03 8.72
C PHE A 190 -3.99 -14.26 7.83
N THR A 191 -2.77 -14.76 7.65
CA THR A 191 -2.50 -15.85 6.75
C THR A 191 -2.52 -17.20 7.41
N GLY A 192 -2.34 -17.23 8.71
CA GLY A 192 -2.27 -18.47 9.43
C GLY A 192 -0.92 -19.15 9.16
N SER A 193 0.06 -18.36 8.75
CA SER A 193 1.37 -18.91 8.46
C SER A 193 2.22 -18.83 9.71
N ASP A 194 3.14 -19.75 9.85
CA ASP A 194 4.02 -19.66 10.99
C ASP A 194 5.02 -18.55 10.77
N ALA A 195 5.42 -17.90 11.86
CA ALA A 195 6.39 -16.81 11.80
C ALA A 195 7.67 -17.11 11.05
N LYS A 196 8.19 -18.32 11.18
CA LYS A 196 9.43 -18.61 10.48
C LYS A 196 9.28 -18.40 8.97
N GLU A 197 8.11 -18.71 8.45
CA GLU A 197 7.86 -18.57 7.02
C GLU A 197 7.73 -17.14 6.50
N VAL A 198 7.35 -16.23 7.34
CA VAL A 198 7.14 -14.88 6.89
C VAL A 198 8.11 -13.87 7.43
N VAL A 199 9.03 -14.29 8.26
CA VAL A 199 9.95 -13.29 8.76
C VAL A 199 11.18 -13.15 7.87
N GLY A 200 11.45 -11.91 7.38
CA GLY A 200 12.59 -11.66 6.51
C GLY A 200 13.75 -10.85 7.10
N ILE A 201 14.73 -10.50 6.26
CA ILE A 201 15.86 -9.75 6.79
C ILE A 201 15.62 -8.25 6.87
N GLY A 202 14.45 -7.77 6.41
CA GLY A 202 14.17 -6.34 6.46
C GLY A 202 15.31 -5.53 5.83
N ALA A 203 15.77 -4.51 6.56
CA ALA A 203 16.85 -3.69 6.05
C ALA A 203 18.21 -4.23 6.46
N ASN A 204 18.60 -5.29 5.76
CA ASN A 204 19.87 -5.94 5.99
C ASN A 204 20.10 -6.49 7.39
N LEU A 205 19.11 -7.13 7.94
CA LEU A 205 19.33 -7.73 9.23
C LEU A 205 20.28 -8.92 9.03
N PRO A 206 21.35 -9.06 9.82
CA PRO A 206 22.26 -10.19 9.66
C PRO A 206 21.57 -11.52 9.92
N PRO A 207 21.97 -12.53 9.14
CA PRO A 207 21.38 -13.85 9.21
C PRO A 207 21.32 -14.44 10.62
N SER A 208 22.32 -14.12 11.42
CA SER A 208 22.34 -14.61 12.78
C SER A 208 21.13 -14.14 13.56
N ARG A 209 20.95 -12.81 13.55
CA ARG A 209 19.90 -12.12 14.27
C ARG A 209 18.47 -12.53 13.92
N ILE A 210 18.31 -13.32 12.86
CA ILE A 210 16.98 -13.72 12.44
C ILE A 210 16.16 -14.40 13.53
N ASP A 211 16.77 -15.40 14.14
CA ASP A 211 16.10 -16.18 15.15
C ASP A 211 15.44 -15.32 16.21
N ASN A 212 16.16 -14.30 16.62
CA ASN A 212 15.59 -13.44 17.60
C ASN A 212 14.33 -12.72 17.06
N LYS A 213 14.39 -12.31 15.79
CA LYS A 213 13.26 -11.65 15.16
C LYS A 213 12.02 -12.58 15.15
N VAL A 214 12.23 -13.85 14.78
CA VAL A 214 11.13 -14.80 14.76
C VAL A 214 10.52 -14.97 16.15
N ASP A 215 11.37 -15.09 17.17
CA ASP A 215 10.87 -15.23 18.54
C ASP A 215 10.03 -14.02 18.97
N VAL A 216 10.49 -12.82 18.57
CA VAL A 216 9.80 -11.58 18.91
C VAL A 216 8.40 -11.55 18.33
N VAL A 217 8.30 -12.01 17.07
CA VAL A 217 7.02 -12.06 16.39
C VAL A 217 6.05 -13.00 17.12
N ARG A 218 6.57 -14.18 17.46
CA ARG A 218 5.78 -15.18 18.15
C ARG A 218 5.24 -14.66 19.46
N ARG A 219 6.13 -13.97 20.18
CA ARG A 219 5.79 -13.40 21.46
C ARG A 219 4.67 -12.39 21.35
N ALA A 220 4.83 -11.52 20.34
CA ALA A 220 3.84 -10.48 20.07
C ALA A 220 2.45 -11.08 19.92
N ILE A 221 2.41 -12.17 19.18
CA ILE A 221 1.17 -12.86 18.95
C ILE A 221 0.61 -13.58 20.17
N ALA A 222 1.47 -14.33 20.86
CA ALA A 222 1.00 -15.05 22.03
C ALA A 222 0.44 -14.08 23.05
N ILE A 223 1.20 -13.01 23.26
CA ILE A 223 0.86 -12.01 24.25
C ILE A 223 -0.41 -11.21 23.98
N ASN A 224 -0.59 -10.77 22.74
CA ASN A 224 -1.72 -9.95 22.37
C ASN A 224 -2.94 -10.72 21.94
N GLN A 225 -2.76 -11.92 21.43
CA GLN A 225 -3.91 -12.68 20.96
C GLN A 225 -4.82 -11.88 20.04
N PRO A 226 -4.28 -11.31 18.97
CA PRO A 226 -5.11 -10.54 18.06
C PRO A 226 -6.10 -11.46 17.35
N ASN A 227 -7.27 -10.94 17.04
CA ASN A 227 -8.25 -11.75 16.34
C ASN A 227 -8.15 -11.53 14.84
N PRO A 228 -7.80 -12.58 14.14
CA PRO A 228 -7.61 -12.56 12.70
C PRO A 228 -8.86 -12.17 11.94
N ARG A 229 -10.01 -12.32 12.57
CA ARG A 229 -11.21 -11.94 11.87
C ARG A 229 -11.51 -10.45 12.03
N ASP A 230 -10.76 -9.79 12.91
CA ASP A 230 -10.94 -8.37 13.14
C ASP A 230 -9.67 -7.61 12.76
N GLY A 231 -9.64 -7.07 11.54
CA GLY A 231 -8.48 -6.36 11.04
C GLY A 231 -8.06 -5.19 11.93
N ILE A 232 -9.04 -4.48 12.52
CA ILE A 232 -8.71 -3.36 13.39
C ILE A 232 -8.05 -3.90 14.64
N ASP A 233 -8.54 -5.07 15.09
CA ASP A 233 -7.98 -5.71 16.26
C ASP A 233 -6.49 -6.04 16.02
N VAL A 234 -6.23 -6.61 14.86
CA VAL A 234 -4.88 -6.97 14.55
C VAL A 234 -3.99 -5.76 14.44
N LEU A 235 -4.43 -4.75 13.68
CA LEU A 235 -3.63 -3.55 13.48
C LEU A 235 -3.21 -2.91 14.79
N SER A 236 -4.18 -2.78 15.69
CA SER A 236 -3.94 -2.10 16.95
C SER A 236 -3.01 -2.86 17.89
N LYS A 237 -3.10 -4.17 17.85
CA LYS A 237 -2.33 -5.03 18.72
C LYS A 237 -0.91 -5.27 18.28
N VAL A 238 -0.78 -5.82 17.07
CA VAL A 238 0.53 -6.14 16.54
C VAL A 238 0.95 -5.35 15.32
N GLY A 239 0.29 -4.24 15.05
CA GLY A 239 0.68 -3.40 13.92
C GLY A 239 1.55 -2.21 14.38
N GLY A 240 1.32 -1.06 13.75
CA GLY A 240 2.01 0.19 14.07
C GLY A 240 1.27 1.36 13.42
N PHE A 241 1.63 2.60 13.79
CA PHE A 241 0.96 3.77 13.21
C PHE A 241 1.11 3.88 11.71
N ASP A 242 2.31 3.58 11.24
CA ASP A 242 2.58 3.64 9.84
C ASP A 242 1.71 2.66 9.04
N LEU A 243 1.61 1.43 9.57
CA LEU A 243 0.79 0.38 8.97
C LEU A 243 -0.70 0.79 8.97
N VAL A 244 -1.12 1.37 10.09
CA VAL A 244 -2.48 1.85 10.20
C VAL A 244 -2.72 2.92 9.15
N GLY A 245 -1.83 3.91 9.05
CA GLY A 245 -1.99 4.98 8.08
C GLY A 245 -2.11 4.47 6.63
N MET A 246 -1.30 3.46 6.29
CA MET A 246 -1.35 2.84 4.95
C MET A 246 -2.74 2.21 4.66
N THR A 247 -3.25 1.45 5.61
CA THR A 247 -4.58 0.87 5.50
C THR A 247 -5.59 2.00 5.30
N GLY A 248 -5.40 3.12 6.02
CA GLY A 248 -6.27 4.28 5.92
C GLY A 248 -6.27 4.89 4.52
N VAL A 249 -5.12 4.92 3.87
CA VAL A 249 -5.07 5.45 2.52
C VAL A 249 -5.92 4.57 1.57
N MET A 250 -5.77 3.27 1.75
CA MET A 250 -6.51 2.29 0.98
C MET A 250 -8.01 2.43 1.23
N LEU A 251 -8.39 2.65 2.48
CA LEU A 251 -9.82 2.80 2.74
C LEU A 251 -10.33 4.09 2.12
N GLY A 252 -9.51 5.13 2.19
CA GLY A 252 -9.88 6.44 1.65
C GLY A 252 -10.03 6.44 0.14
N ALA A 253 -9.07 5.85 -0.57
CA ALA A 253 -9.14 5.79 -2.02
C ALA A 253 -10.36 5.02 -2.47
N ALA A 254 -10.60 3.88 -1.83
CA ALA A 254 -11.75 3.05 -2.18
C ALA A 254 -13.07 3.80 -2.02
N ARG A 255 -13.24 4.45 -0.89
CA ARG A 255 -14.44 5.23 -0.64
C ARG A 255 -14.61 6.31 -1.72
N CYS A 256 -13.50 6.86 -2.11
CA CYS A 256 -13.45 7.87 -3.13
C CYS A 256 -13.58 7.26 -4.51
N GLY A 257 -13.60 5.92 -4.55
CA GLY A 257 -13.68 5.17 -5.81
C GLY A 257 -12.48 5.34 -6.73
N LEU A 258 -11.31 5.45 -6.11
CA LEU A 258 -10.10 5.64 -6.88
C LEU A 258 -9.08 4.51 -6.64
N PRO A 259 -8.17 4.35 -7.60
CA PRO A 259 -7.15 3.29 -7.53
C PRO A 259 -5.97 3.65 -6.64
N VAL A 260 -5.43 2.63 -5.99
CA VAL A 260 -4.27 2.72 -5.14
C VAL A 260 -3.23 1.70 -5.55
N LEU A 261 -2.00 2.17 -5.72
CA LEU A 261 -0.91 1.30 -6.04
C LEU A 261 -0.24 0.86 -4.77
N LEU A 262 -0.15 -0.46 -4.57
CA LEU A 262 0.57 -0.99 -3.44
C LEU A 262 2.08 -0.81 -3.67
N ASP A 263 2.87 -0.99 -2.62
CA ASP A 263 4.30 -0.91 -2.71
C ASP A 263 4.88 -2.30 -2.47
N GLY A 264 5.59 -2.48 -1.37
CA GLY A 264 6.19 -3.75 -1.01
C GLY A 264 5.55 -4.47 0.18
N PHE A 265 6.38 -5.24 0.88
CA PHE A 265 5.96 -6.06 2.00
C PHE A 265 5.11 -5.38 3.05
N LEU A 266 5.55 -4.19 3.50
CA LEU A 266 4.80 -3.47 4.52
C LEU A 266 3.40 -3.18 3.99
N SER A 267 3.34 -2.79 2.72
CA SER A 267 2.09 -2.47 2.09
C SER A 267 1.20 -3.67 1.95
N TYR A 268 1.80 -4.84 1.69
CA TYR A 268 0.96 -6.04 1.60
C TYR A 268 0.26 -6.28 2.93
N SER A 269 1.00 -6.11 4.03
CA SER A 269 0.40 -6.36 5.32
C SER A 269 -0.80 -5.45 5.58
N ALA A 270 -0.66 -4.17 5.20
CA ALA A 270 -1.72 -3.20 5.36
C ALA A 270 -2.90 -3.54 4.45
N ALA A 271 -2.58 -4.10 3.30
CA ALA A 271 -3.63 -4.47 2.38
C ALA A 271 -4.44 -5.65 2.92
N LEU A 272 -3.78 -6.59 3.57
CA LEU A 272 -4.54 -7.72 4.15
C LEU A 272 -5.54 -7.20 5.18
N ALA A 273 -5.09 -6.26 5.99
CA ALA A 273 -5.95 -5.68 7.01
C ALA A 273 -7.10 -4.93 6.40
N ALA A 274 -6.80 -4.10 5.41
CA ALA A 274 -7.86 -3.34 4.77
C ALA A 274 -8.94 -4.26 4.15
N CYS A 275 -8.48 -5.32 3.54
CA CYS A 275 -9.39 -6.25 2.93
C CYS A 275 -10.19 -6.99 3.95
N GLN A 276 -9.57 -7.18 5.10
CA GLN A 276 -10.25 -7.85 6.20
C GLN A 276 -11.34 -6.95 6.74
N ILE A 277 -11.00 -5.69 6.89
CA ILE A 277 -11.91 -4.70 7.37
C ILE A 277 -13.03 -4.45 6.39
N ALA A 278 -12.71 -4.38 5.10
CA ALA A 278 -13.70 -4.11 4.06
C ALA A 278 -13.28 -4.75 2.75
N PRO A 279 -13.95 -5.84 2.43
CA PRO A 279 -13.63 -6.56 1.22
C PRO A 279 -13.87 -5.75 -0.01
N ALA A 280 -14.78 -4.77 0.12
CA ALA A 280 -15.12 -3.88 -0.98
C ALA A 280 -13.88 -3.12 -1.43
N VAL A 281 -12.85 -3.14 -0.60
CA VAL A 281 -11.64 -2.43 -0.94
C VAL A 281 -10.83 -3.03 -2.08
N ARG A 282 -10.88 -4.35 -2.13
CA ARG A 282 -10.09 -5.13 -3.07
C ARG A 282 -10.00 -4.66 -4.51
N PRO A 283 -11.14 -4.39 -5.14
CA PRO A 283 -11.11 -4.00 -6.53
C PRO A 283 -10.36 -2.70 -6.83
N TYR A 284 -10.07 -1.91 -5.80
CA TYR A 284 -9.37 -0.64 -6.03
C TYR A 284 -7.85 -0.77 -5.93
N LEU A 285 -7.40 -1.92 -5.41
CA LEU A 285 -5.96 -2.14 -5.24
C LEU A 285 -5.27 -2.63 -6.48
N ILE A 286 -4.05 -2.14 -6.69
CA ILE A 286 -3.23 -2.50 -7.83
C ILE A 286 -1.83 -2.82 -7.33
N PRO A 287 -1.34 -4.02 -7.60
CA PRO A 287 0.00 -4.35 -7.17
C PRO A 287 1.02 -3.59 -8.00
N SER A 288 2.22 -3.41 -7.46
CA SER A 288 3.28 -2.77 -8.20
C SER A 288 4.38 -3.77 -8.43
N HIS A 289 5.18 -4.04 -7.39
CA HIS A 289 6.26 -4.95 -7.58
C HIS A 289 6.27 -6.11 -6.62
N PHE A 290 7.19 -7.04 -6.88
CA PHE A 290 7.37 -8.24 -6.06
C PHE A 290 8.54 -8.06 -5.10
N SER A 291 8.20 -7.65 -3.85
CA SER A 291 9.19 -7.40 -2.79
C SER A 291 10.13 -8.58 -2.53
N ALA A 292 11.39 -8.26 -2.27
CA ALA A 292 12.39 -9.28 -1.97
C ALA A 292 12.26 -9.84 -0.56
N GLU A 293 11.34 -9.31 0.26
CA GLU A 293 11.13 -9.81 1.61
C GLU A 293 10.64 -11.27 1.55
N LYS A 294 11.20 -12.11 2.42
CA LYS A 294 10.84 -13.53 2.49
C LYS A 294 9.33 -13.84 2.47
N GLY A 295 8.56 -13.14 3.30
CA GLY A 295 7.14 -13.43 3.38
C GLY A 295 6.29 -12.83 2.26
N ALA A 296 6.92 -12.21 1.26
CA ALA A 296 6.13 -11.61 0.17
C ALA A 296 5.22 -12.59 -0.59
N ARG A 297 5.77 -13.73 -1.02
CA ARG A 297 4.96 -14.69 -1.79
C ARG A 297 3.66 -15.08 -1.09
N ILE A 298 3.77 -15.36 0.22
CA ILE A 298 2.64 -15.77 1.03
C ILE A 298 1.62 -14.68 1.12
N ALA A 299 2.09 -13.46 1.44
CA ALA A 299 1.17 -12.33 1.55
C ALA A 299 0.39 -12.06 0.26
N LEU A 300 1.10 -12.12 -0.87
CA LEU A 300 0.53 -11.87 -2.20
C LEU A 300 -0.50 -12.93 -2.59
N ALA A 301 -0.21 -14.16 -2.15
CA ALA A 301 -1.08 -15.28 -2.43
C ALA A 301 -2.42 -15.07 -1.75
N HIS A 302 -2.36 -14.58 -0.54
CA HIS A 302 -3.58 -14.33 0.20
C HIS A 302 -4.35 -13.17 -0.36
N LEU A 303 -3.65 -12.24 -1.01
CA LEU A 303 -4.35 -11.11 -1.62
C LEU A 303 -4.75 -11.49 -3.01
N SER A 304 -4.27 -12.64 -3.47
CA SER A 304 -4.55 -13.10 -4.82
C SER A 304 -4.03 -12.08 -5.83
N MET A 305 -2.82 -11.58 -5.62
CA MET A 305 -2.27 -10.60 -6.54
C MET A 305 -0.96 -11.07 -7.14
N GLU A 306 -0.74 -10.72 -8.40
CA GLU A 306 0.50 -11.03 -9.11
C GLU A 306 1.11 -9.69 -9.53
N PRO A 307 2.21 -9.27 -8.90
CA PRO A 307 2.76 -7.98 -9.29
C PRO A 307 3.30 -7.94 -10.71
N TYR A 308 3.37 -6.73 -11.25
CA TYR A 308 3.87 -6.55 -12.59
C TYR A 308 5.40 -6.51 -12.69
N LEU A 309 6.04 -5.96 -11.67
CA LEU A 309 7.48 -5.77 -11.66
C LEU A 309 8.21 -6.72 -10.74
N HIS A 310 9.28 -7.32 -11.29
CA HIS A 310 10.19 -8.19 -10.55
C HIS A 310 11.55 -7.51 -10.51
N MET A 311 11.77 -6.66 -9.50
CA MET A 311 12.99 -5.87 -9.40
C MET A 311 13.87 -6.18 -8.19
N ALA A 312 13.43 -7.17 -7.42
CA ALA A 312 14.11 -7.59 -6.19
C ALA A 312 14.27 -6.40 -5.24
N MET A 313 13.29 -5.51 -5.28
CA MET A 313 13.36 -4.32 -4.43
C MET A 313 12.92 -4.57 -3.01
N ARG A 314 13.50 -3.79 -2.10
CA ARG A 314 13.15 -3.94 -0.70
C ARG A 314 13.51 -2.68 0.09
N LEU A 315 13.36 -1.53 -0.55
CA LEU A 315 13.65 -0.28 0.10
C LEU A 315 12.46 0.25 0.87
N GLY A 316 11.26 0.16 0.27
CA GLY A 316 10.06 0.73 0.89
C GLY A 316 9.86 2.17 0.41
N GLU A 317 9.22 2.99 1.27
CA GLU A 317 8.92 4.41 1.03
C GLU A 317 7.89 4.64 -0.04
N GLY A 318 7.43 3.59 -0.69
CA GLY A 318 6.51 3.75 -1.78
C GLY A 318 7.31 3.82 -3.10
N SER A 319 8.58 3.42 -3.09
CA SER A 319 9.40 3.46 -4.30
C SER A 319 8.89 2.56 -5.43
N GLY A 320 8.37 1.37 -5.07
CA GLY A 320 7.84 0.42 -6.05
C GLY A 320 6.54 0.97 -6.65
N ALA A 321 5.73 1.62 -5.81
CA ALA A 321 4.48 2.23 -6.28
C ALA A 321 4.76 3.28 -7.39
N ALA A 322 5.74 4.16 -7.11
CA ALA A 322 6.10 5.22 -8.06
C ALA A 322 6.60 4.62 -9.37
N LEU A 323 7.38 3.58 -9.24
CA LEU A 323 7.94 2.92 -10.38
C LEU A 323 6.85 2.30 -11.27
N ALA A 324 5.72 1.92 -10.69
CA ALA A 324 4.65 1.31 -11.48
C ALA A 324 3.67 2.31 -12.09
N MET A 325 3.75 3.55 -11.67
CA MET A 325 2.80 4.52 -12.20
C MET A 325 2.80 4.62 -13.74
N PRO A 326 3.96 4.59 -14.38
CA PRO A 326 3.97 4.67 -15.81
C PRO A 326 3.19 3.53 -16.45
N ILE A 327 3.16 2.40 -15.77
CA ILE A 327 2.44 1.26 -16.28
C ILE A 327 0.96 1.58 -16.34
N VAL A 328 0.48 2.20 -15.27
CA VAL A 328 -0.91 2.58 -15.24
C VAL A 328 -1.22 3.55 -16.39
N GLU A 329 -0.34 4.53 -16.57
CA GLU A 329 -0.55 5.47 -17.67
C GLU A 329 -0.47 4.78 -19.03
N ALA A 330 0.33 3.73 -19.13
CA ALA A 330 0.42 3.02 -20.39
C ALA A 330 -0.91 2.37 -20.78
N ALA A 331 -1.60 1.80 -19.78
CA ALA A 331 -2.87 1.14 -20.04
C ALA A 331 -3.88 2.18 -20.54
N CYS A 332 -3.76 3.41 -20.02
CA CYS A 332 -4.66 4.48 -20.43
C CYS A 332 -4.37 4.94 -21.87
N ALA A 333 -3.08 5.04 -22.20
CA ALA A 333 -2.64 5.48 -23.51
C ALA A 333 -3.07 4.47 -24.55
N MET A 334 -2.90 3.22 -24.20
CA MET A 334 -3.30 2.14 -25.08
C MET A 334 -4.77 2.31 -25.44
N PHE A 335 -5.57 2.41 -24.37
CA PHE A 335 -7.02 2.54 -24.45
C PHE A 335 -7.45 3.73 -25.27
N HIS A 336 -6.82 4.87 -25.06
CA HIS A 336 -7.29 6.05 -25.77
C HIS A 336 -6.62 6.35 -27.10
N ASN A 337 -5.37 6.02 -27.24
CA ASN A 337 -4.67 6.40 -28.44
C ASN A 337 -4.50 5.36 -29.54
N MET A 338 -4.75 4.07 -29.28
CA MET A 338 -4.55 3.12 -30.37
C MET A 338 -5.63 3.22 -31.42
N GLY A 339 -5.28 2.90 -32.67
CA GLY A 339 -6.26 2.86 -33.76
C GLY A 339 -7.15 1.59 -33.65
N GLU A 340 -8.14 1.46 -34.55
CA GLU A 340 -9.08 0.34 -34.56
C GLU A 340 -8.99 -0.55 -35.76
N LEU A 341 -9.16 -1.83 -35.50
CA LEU A 341 -9.12 -2.86 -36.51
C LEU A 341 -10.01 -2.52 -37.69
N ALA A 342 -11.27 -2.21 -37.35
CA ALA A 342 -12.27 -1.93 -38.38
C ALA A 342 -11.85 -0.86 -39.36
N ALA A 343 -11.23 0.18 -38.82
CA ALA A 343 -10.77 1.30 -39.61
C ALA A 343 -9.69 0.92 -40.62
N SER A 344 -8.94 -0.16 -40.35
CA SER A 344 -7.89 -0.58 -41.26
C SER A 344 -8.38 -1.72 -42.14
N ASN A 345 -9.66 -2.05 -41.93
CA ASN A 345 -10.32 -3.12 -42.66
C ASN A 345 -9.70 -4.47 -42.32
N ILE A 346 -9.23 -4.59 -41.09
CA ILE A 346 -8.66 -5.85 -40.68
C ILE A 346 -9.70 -6.70 -40.01
N VAL A 347 -9.88 -7.90 -40.54
CA VAL A 347 -10.83 -8.82 -39.98
C VAL A 347 -10.11 -10.05 -39.48
N LEU A 348 -10.25 -10.36 -38.20
CA LEU A 348 -9.64 -11.56 -37.69
C LEU A 348 -10.74 -12.53 -37.30
N PRO A 349 -10.53 -13.79 -37.65
CA PRO A 349 -11.46 -14.86 -37.32
C PRO A 349 -11.88 -14.76 -35.86
#